data_6D4D
#
_entry.id   6D4D
#
_cell.length_a   154.055
_cell.length_b   35.998
_cell.length_c   115.023
_cell.angle_alpha   90.00
_cell.angle_beta   115.73
_cell.angle_gamma   90.00
#
_symmetry.space_group_name_H-M   'C 1 2 1'
#
loop_
_entity.id
_entity.type
_entity.pdbx_description
1 polymer 'Receptor-type tyrosine-protein phosphatase epsilon'
2 water water
#
_entity_poly.entity_id   1
_entity_poly.type   'polypeptide(L)'
_entity_poly.pdbx_seq_one_letter_code
;SGPKKYFPIPVEHLEEEIRIRSADDCKQFREEFNSLPSGHIQGTFELANKEENREKNRYPNILPNDHSRVILSQLDGIPC
SDYINASYIDGYKEKNKFIAAQGPKQETVNDFWRMVWEQKSATIVMLTNLKERKEEKCHQYWPDQGCWTYGNIRVCVEDC
VVLVDYTIRKFCIQPQLPDGCKAPRLVSQLHFTSWPDFGVPFTPIGMLKFLKKVKTLNPVHAGPIVVHCSAGVGRTGTFI
VIDAMMAMMHAEQKVDVFEFVSRIRNQRPQMVQTDMQYTFIYQALLEYYLYG
;
_entity_poly.pdbx_strand_id   A,B
#
# COMPACT_ATOMS: atom_id res chain seq x y z
N LYS A 5 -7.99 4.53 22.22
CA LYS A 5 -6.69 3.91 21.90
C LYS A 5 -6.64 2.47 22.37
N TYR A 6 -6.19 1.58 21.48
CA TYR A 6 -6.23 0.14 21.72
C TYR A 6 -4.82 -0.41 21.63
N PHE A 7 -4.36 -1.01 22.71
CA PHE A 7 -3.04 -1.62 22.85
C PHE A 7 -3.12 -3.12 22.62
N PRO A 8 -2.01 -3.76 22.26
CA PRO A 8 -2.01 -5.22 22.19
C PRO A 8 -2.40 -5.83 23.52
N ILE A 9 -2.92 -7.06 23.44
CA ILE A 9 -3.41 -7.78 24.61
C ILE A 9 -2.51 -9.00 24.82
N PRO A 10 -1.78 -9.08 25.94
CA PRO A 10 -1.05 -10.32 26.23
C PRO A 10 -2.02 -11.46 26.47
N VAL A 11 -1.64 -12.65 26.02
CA VAL A 11 -2.56 -13.79 26.08
C VAL A 11 -3.00 -14.09 27.52
N GLU A 12 -2.13 -13.88 28.50
CA GLU A 12 -2.51 -14.13 29.90
C GLU A 12 -3.62 -13.22 30.39
N HIS A 13 -3.91 -12.13 29.68
CA HIS A 13 -5.02 -11.25 30.01
C HIS A 13 -6.19 -11.37 29.04
N LEU A 14 -6.12 -12.26 28.07
CA LEU A 14 -7.11 -12.29 27.00
C LEU A 14 -8.49 -12.71 27.53
N GLU A 15 -8.54 -13.74 28.38
CA GLU A 15 -9.83 -14.18 28.89
C GLU A 15 -10.49 -13.08 29.71
N GLU A 16 -9.71 -12.42 30.57
CA GLU A 16 -10.29 -11.32 31.35
C GLU A 16 -10.71 -10.15 30.47
N GLU A 17 -9.88 -9.81 29.46
CA GLU A 17 -10.25 -8.68 28.61
C GLU A 17 -11.53 -8.96 27.82
N ILE A 18 -11.73 -10.22 27.41
CA ILE A 18 -12.97 -10.56 26.72
C ILE A 18 -14.16 -10.42 27.65
N ARG A 19 -14.00 -10.84 28.91
CA ARG A 19 -15.09 -10.65 29.87
C ARG A 19 -15.42 -9.17 30.00
N ILE A 20 -14.40 -8.34 30.18
CA ILE A 20 -14.59 -6.90 30.37
C ILE A 20 -15.27 -6.30 29.16
N ARG A 21 -14.80 -6.63 27.96
CA ARG A 21 -15.32 -5.99 26.77
C ARG A 21 -16.67 -6.56 26.35
N SER A 22 -17.03 -7.75 26.83
CA SER A 22 -18.33 -8.33 26.53
CA SER A 22 -18.33 -8.34 26.55
C SER A 22 -19.42 -7.90 27.51
N ALA A 23 -19.04 -7.34 28.65
CA ALA A 23 -20.02 -6.89 29.64
C ALA A 23 -20.92 -5.81 29.05
N ASP A 24 -22.14 -5.73 29.57
CA ASP A 24 -23.12 -4.71 29.14
C ASP A 24 -23.45 -4.85 27.66
N ASP A 25 -23.78 -6.08 27.23
CA ASP A 25 -24.09 -6.40 25.84
C ASP A 25 -22.96 -5.96 24.92
N CYS A 26 -21.73 -6.37 25.25
CA CYS A 26 -20.53 -6.10 24.46
C CYS A 26 -20.34 -4.60 24.21
N LYS A 27 -20.55 -3.80 25.26
CA LYS A 27 -20.44 -2.35 25.15
C LYS A 27 -19.08 -1.93 24.62
N GLN A 28 -18.00 -2.40 25.25
CA GLN A 28 -16.67 -1.94 24.85
C GLN A 28 -16.26 -2.55 23.50
N PHE A 29 -16.64 -3.80 23.24
CA PHE A 29 -16.40 -4.38 21.92
C PHE A 29 -17.09 -3.59 20.82
N ARG A 30 -18.33 -3.15 21.06
CA ARG A 30 -19.03 -2.33 20.07
C ARG A 30 -18.34 -1.00 19.86
N GLU A 31 -17.86 -0.38 20.95
CA GLU A 31 -17.13 0.87 20.81
C GLU A 31 -15.85 0.67 20.02
N GLU A 32 -15.13 -0.43 20.29
CA GLU A 32 -13.88 -0.74 19.59
C GLU A 32 -14.12 -0.91 18.10
N PHE A 33 -15.12 -1.73 17.72
CA PHE A 33 -15.43 -1.95 16.32
C PHE A 33 -15.80 -0.65 15.63
N ASN A 34 -16.57 0.20 16.31
CA ASN A 34 -17.00 1.45 15.71
C ASN A 34 -15.88 2.46 15.58
N SER A 35 -14.74 2.25 16.25
CA SER A 35 -13.56 3.12 16.14
C SER A 35 -12.63 2.76 14.98
N LEU A 36 -12.87 1.67 14.27
CA LEU A 36 -11.97 1.29 13.19
C LEU A 36 -12.06 2.28 12.04
N PRO A 37 -10.95 2.56 11.35
CA PRO A 37 -11.07 3.27 10.08
C PRO A 37 -11.83 2.40 9.09
N SER A 38 -12.49 3.04 8.13
CA SER A 38 -13.22 2.27 7.12
C SER A 38 -12.29 1.74 6.04
N GLY A 39 -11.21 2.47 5.74
CA GLY A 39 -10.39 2.18 4.58
C GLY A 39 -10.75 2.96 3.34
N HIS A 40 -11.83 3.75 3.36
CA HIS A 40 -12.20 4.52 2.18
C HIS A 40 -11.45 5.83 2.08
N ILE A 41 -10.78 6.27 3.15
CA ILE A 41 -10.28 7.64 3.21
C ILE A 41 -9.04 7.80 2.33
N GLN A 42 -8.09 6.86 2.40
CA GLN A 42 -6.80 7.07 1.75
C GLN A 42 -6.70 6.47 0.35
N GLY A 43 -7.46 5.42 0.05
CA GLY A 43 -7.29 4.73 -1.20
C GLY A 43 -7.97 5.40 -2.38
N THR A 44 -7.67 4.90 -3.59
CA THR A 44 -8.39 5.33 -4.77
C THR A 44 -9.11 4.14 -5.41
N PHE A 45 -10.17 4.45 -6.16
CA PHE A 45 -11.06 3.41 -6.66
C PHE A 45 -11.42 3.66 -8.11
N GLU A 46 -10.46 4.14 -8.91
CA GLU A 46 -10.73 4.50 -10.30
C GLU A 46 -11.09 3.29 -11.14
N LEU A 47 -10.32 2.21 -11.02
CA LEU A 47 -10.56 1.06 -11.88
C LEU A 47 -11.90 0.39 -11.55
N ALA A 48 -12.16 0.18 -10.25
CA ALA A 48 -13.42 -0.47 -9.87
C ALA A 48 -14.62 0.33 -10.33
N ASN A 49 -14.48 1.64 -10.47
CA ASN A 49 -15.61 2.52 -10.79
C ASN A 49 -15.74 2.82 -12.28
N LYS A 50 -14.83 2.31 -13.13
CA LYS A 50 -15.00 2.51 -14.56
C LYS A 50 -16.31 1.92 -15.03
N GLU A 51 -16.92 2.55 -16.05
CA GLU A 51 -18.20 2.08 -16.54
C GLU A 51 -18.09 0.65 -17.06
N GLU A 52 -16.97 0.34 -17.73
CA GLU A 52 -16.78 -1.00 -18.27
C GLU A 52 -16.75 -2.06 -17.19
N ASN A 53 -16.49 -1.67 -15.94
CA ASN A 53 -16.33 -2.62 -14.85
C ASN A 53 -17.55 -2.68 -13.93
N ARG A 54 -18.56 -1.83 -14.17
CA ARG A 54 -19.72 -1.76 -13.27
C ARG A 54 -20.40 -3.11 -13.12
N GLU A 55 -20.53 -3.86 -14.20
CA GLU A 55 -21.20 -5.16 -14.17
C GLU A 55 -20.36 -6.23 -13.49
N LYS A 56 -19.08 -5.99 -13.24
CA LYS A 56 -18.20 -6.97 -12.63
C LYS A 56 -18.19 -6.88 -11.10
N ASN A 57 -18.92 -5.93 -10.52
CA ASN A 57 -19.02 -5.77 -9.08
C ASN A 57 -20.39 -6.20 -8.59
N ARG A 58 -20.40 -6.97 -7.50
CA ARG A 58 -21.66 -7.41 -6.90
C ARG A 58 -22.36 -6.26 -6.19
N TYR A 59 -21.61 -5.43 -5.47
CA TYR A 59 -22.15 -4.33 -4.69
C TYR A 59 -21.38 -3.08 -5.05
N PRO A 60 -22.07 -1.99 -5.39
CA PRO A 60 -21.39 -0.80 -5.91
C PRO A 60 -20.44 -0.14 -4.93
N ASN A 61 -20.65 -0.32 -3.63
CA ASN A 61 -19.81 0.33 -2.63
C ASN A 61 -18.83 -0.63 -1.98
N ILE A 62 -18.72 -1.87 -2.47
CA ILE A 62 -17.71 -2.81 -2.00
C ILE A 62 -16.75 -3.05 -3.16
N LEU A 63 -15.66 -2.30 -3.18
CA LEU A 63 -14.71 -2.27 -4.28
C LEU A 63 -13.29 -2.48 -3.79
N PRO A 64 -12.43 -3.07 -4.61
CA PRO A 64 -11.01 -3.06 -4.30
C PRO A 64 -10.45 -1.67 -4.53
N ASN A 65 -9.46 -1.27 -3.73
CA ASN A 65 -8.77 -0.05 -4.11
C ASN A 65 -7.73 -0.38 -5.18
N ASP A 66 -7.22 0.67 -5.86
CA ASP A 66 -6.38 0.46 -7.04
C ASP A 66 -5.04 -0.16 -6.68
N HIS A 67 -4.54 0.07 -5.48
CA HIS A 67 -3.16 -0.29 -5.17
C HIS A 67 -3.03 -1.74 -4.73
N SER A 68 -4.10 -2.34 -4.20
CA SER A 68 -4.03 -3.73 -3.75
C SER A 68 -4.91 -4.67 -4.57
N ARG A 69 -5.56 -4.18 -5.63
CA ARG A 69 -6.39 -5.04 -6.44
C ARG A 69 -5.55 -6.09 -7.16
N VAL A 70 -6.16 -7.24 -7.42
CA VAL A 70 -5.51 -8.27 -8.21
C VAL A 70 -5.63 -7.91 -9.68
N ILE A 71 -4.49 -7.82 -10.37
CA ILE A 71 -4.48 -7.44 -11.77
C ILE A 71 -4.46 -8.69 -12.63
N LEU A 72 -5.45 -8.81 -13.52
CA LEU A 72 -5.50 -9.93 -14.44
C LEU A 72 -4.76 -9.58 -15.71
N SER A 73 -4.27 -10.59 -16.41
CA SER A 73 -3.71 -10.34 -17.73
C SER A 73 -4.80 -9.75 -18.62
N GLN A 74 -4.37 -8.92 -19.57
CA GLN A 74 -5.28 -8.28 -20.50
C GLN A 74 -5.68 -9.28 -21.58
N LEU A 75 -6.98 -9.43 -21.82
CA LEU A 75 -7.46 -10.28 -22.90
C LEU A 75 -7.41 -9.52 -24.24
N ASP A 76 -6.82 -10.14 -25.25
CA ASP A 76 -6.69 -9.50 -26.55
C ASP A 76 -8.05 -9.06 -27.08
N GLY A 77 -8.13 -7.81 -27.53
CA GLY A 77 -9.35 -7.28 -28.11
C GLY A 77 -10.42 -6.87 -27.11
N ILE A 78 -10.18 -7.01 -25.82
CA ILE A 78 -11.20 -6.75 -24.80
C ILE A 78 -10.68 -5.66 -23.88
N PRO A 79 -11.06 -4.41 -24.08
CA PRO A 79 -10.65 -3.35 -23.15
C PRO A 79 -11.15 -3.62 -21.73
N CYS A 80 -10.35 -3.17 -20.77
CA CYS A 80 -10.65 -3.23 -19.34
C CYS A 80 -10.73 -4.66 -18.81
N SER A 81 -10.20 -5.63 -19.54
CA SER A 81 -10.27 -7.02 -19.10
C SER A 81 -9.21 -7.38 -18.06
N ASP A 82 -8.52 -6.40 -17.47
CA ASP A 82 -7.58 -6.70 -16.40
C ASP A 82 -8.22 -6.65 -15.01
N TYR A 83 -9.53 -6.48 -14.92
CA TYR A 83 -10.18 -6.19 -13.65
C TYR A 83 -10.90 -7.40 -13.06
N ILE A 84 -10.74 -7.58 -11.75
CA ILE A 84 -11.58 -8.48 -10.97
C ILE A 84 -11.77 -7.83 -9.60
N ASN A 85 -12.96 -8.01 -9.04
CA ASN A 85 -13.20 -7.50 -7.69
C ASN A 85 -12.54 -8.50 -6.72
N ALA A 86 -11.29 -8.22 -6.36
CA ALA A 86 -10.45 -9.06 -5.51
C ALA A 86 -9.24 -8.23 -5.11
N SER A 87 -8.73 -8.46 -3.90
CA SER A 87 -7.64 -7.66 -3.35
C SER A 87 -6.63 -8.57 -2.68
N TYR A 88 -5.35 -8.24 -2.77
CA TYR A 88 -4.37 -8.91 -1.94
C TYR A 88 -4.52 -8.45 -0.49
N ILE A 89 -4.36 -9.38 0.45
CA ILE A 89 -4.46 -9.09 1.87
C ILE A 89 -3.28 -9.71 2.57
N ASP A 90 -2.64 -8.96 3.47
CA ASP A 90 -1.50 -9.48 4.22
C ASP A 90 -1.92 -10.50 5.27
N GLY A 91 -0.99 -11.40 5.59
CA GLY A 91 -1.08 -12.23 6.78
C GLY A 91 -0.16 -11.70 7.86
N TYR A 92 -0.03 -12.47 8.93
CA TYR A 92 0.93 -12.12 9.97
C TYR A 92 2.35 -12.22 9.42
N LYS A 93 3.06 -11.10 9.40
CA LYS A 93 4.43 -11.02 8.88
C LYS A 93 4.58 -11.76 7.55
N GLU A 94 3.60 -11.65 6.67
CA GLU A 94 3.63 -12.35 5.38
C GLU A 94 2.85 -11.50 4.38
N LYS A 95 3.56 -10.79 3.51
CA LYS A 95 2.91 -9.91 2.55
C LYS A 95 2.09 -10.72 1.55
N ASN A 96 0.86 -10.27 1.32
CA ASN A 96 -0.02 -10.84 0.29
C ASN A 96 -0.23 -12.35 0.46
N LYS A 97 -0.40 -12.77 1.72
CA LYS A 97 -0.71 -14.16 2.00
C LYS A 97 -2.03 -14.59 1.37
N PHE A 98 -2.99 -13.67 1.28
CA PHE A 98 -4.33 -14.00 0.85
C PHE A 98 -4.73 -13.15 -0.34
N ILE A 99 -5.75 -13.61 -1.03
CA ILE A 99 -6.56 -12.77 -1.88
C ILE A 99 -7.96 -12.81 -1.30
N ALA A 100 -8.53 -11.65 -1.01
CA ALA A 100 -9.92 -11.55 -0.62
C ALA A 100 -10.73 -11.18 -1.86
N ALA A 101 -11.65 -12.05 -2.24
CA ALA A 101 -12.36 -11.89 -3.50
C ALA A 101 -13.85 -11.88 -3.25
N GLN A 102 -14.58 -11.14 -4.07
CA GLN A 102 -16.03 -11.34 -4.08
C GLN A 102 -16.32 -12.70 -4.72
N GLY A 103 -17.44 -13.29 -4.34
CA GLY A 103 -17.86 -14.53 -4.98
C GLY A 103 -18.26 -14.22 -6.40
N PRO A 104 -17.80 -15.01 -7.36
CA PRO A 104 -18.03 -14.65 -8.76
C PRO A 104 -19.51 -14.59 -9.11
N LYS A 105 -19.82 -13.67 -10.02
CA LYS A 105 -21.09 -13.63 -10.74
C LYS A 105 -20.98 -14.51 -11.97
N GLN A 106 -22.12 -14.82 -12.58
CA GLN A 106 -22.07 -15.60 -13.81
C GLN A 106 -21.12 -14.95 -14.82
N GLU A 107 -21.15 -13.62 -14.91
CA GLU A 107 -20.31 -12.89 -15.86
C GLU A 107 -18.85 -12.76 -15.45
N THR A 108 -18.47 -13.14 -14.23
CA THR A 108 -17.06 -13.04 -13.83
C THR A 108 -16.43 -14.39 -13.49
N VAL A 109 -17.13 -15.50 -13.72
CA VAL A 109 -16.58 -16.81 -13.38
CA VAL A 109 -16.57 -16.79 -13.37
C VAL A 109 -15.30 -17.08 -14.17
N ASN A 110 -15.29 -16.70 -15.46
CA ASN A 110 -14.08 -16.91 -16.25
C ASN A 110 -12.92 -16.10 -15.70
N ASP A 111 -13.17 -14.82 -15.37
CA ASP A 111 -12.16 -13.97 -14.73
C ASP A 111 -11.67 -14.61 -13.44
N PHE A 112 -12.58 -15.15 -12.65
CA PHE A 112 -12.19 -15.79 -11.39
C PHE A 112 -11.18 -16.92 -11.62
N TRP A 113 -11.45 -17.80 -12.59
CA TRP A 113 -10.49 -18.89 -12.82
C TRP A 113 -9.21 -18.39 -13.45
N ARG A 114 -9.27 -17.34 -14.27
CA ARG A 114 -8.03 -16.71 -14.73
C ARG A 114 -7.18 -16.22 -13.57
N MET A 115 -7.81 -15.63 -12.55
CA MET A 115 -7.07 -15.17 -11.39
C MET A 115 -6.42 -16.34 -10.65
N VAL A 116 -7.16 -17.43 -10.47
CA VAL A 116 -6.61 -18.59 -9.77
C VAL A 116 -5.41 -19.14 -10.52
N TRP A 117 -5.54 -19.29 -11.85
CA TRP A 117 -4.43 -19.81 -12.65
C TRP A 117 -3.22 -18.89 -12.60
N GLU A 118 -3.44 -17.59 -12.86
CA GLU A 118 -2.32 -16.66 -13.01
C GLU A 118 -1.63 -16.37 -11.69
N GLN A 119 -2.37 -16.38 -10.59
CA GLN A 119 -1.79 -16.17 -9.27
C GLN A 119 -1.14 -17.43 -8.70
N LYS A 120 -1.26 -18.58 -9.38
CA LYS A 120 -0.71 -19.86 -8.94
C LYS A 120 -1.31 -20.32 -7.61
N SER A 121 -2.53 -19.89 -7.32
CA SER A 121 -3.21 -20.33 -6.10
C SER A 121 -3.49 -21.82 -6.17
N ALA A 122 -3.33 -22.50 -5.02
CA ALA A 122 -3.66 -23.90 -4.92
C ALA A 122 -4.84 -24.18 -4.00
N THR A 123 -5.35 -23.16 -3.31
CA THR A 123 -6.39 -23.35 -2.30
C THR A 123 -7.40 -22.22 -2.47
N ILE A 124 -8.67 -22.59 -2.51
CA ILE A 124 -9.78 -21.64 -2.51
C ILE A 124 -10.59 -21.89 -1.25
N VAL A 125 -10.86 -20.83 -0.50
CA VAL A 125 -11.66 -20.91 0.72
C VAL A 125 -13.00 -20.22 0.46
N MET A 126 -14.09 -20.99 0.50
CA MET A 126 -15.42 -20.47 0.21
C MET A 126 -16.23 -20.44 1.49
N LEU A 127 -16.69 -19.25 1.87
CA LEU A 127 -17.29 -19.03 3.17
C LEU A 127 -18.78 -18.73 3.08
N THR A 128 -19.40 -19.01 1.92
CA THR A 128 -20.80 -18.76 1.69
C THR A 128 -21.43 -20.01 1.10
N ASN A 129 -22.72 -20.19 1.33
CA ASN A 129 -23.42 -21.13 0.46
C ASN A 129 -23.84 -20.41 -0.81
N LEU A 130 -24.12 -21.17 -1.86
CA LEU A 130 -24.48 -20.56 -3.14
C LEU A 130 -25.73 -19.70 -2.99
N LYS A 131 -26.69 -20.18 -2.22
CA LYS A 131 -27.92 -19.48 -1.90
C LYS A 131 -28.01 -19.33 -0.39
N GLU A 132 -28.34 -18.13 0.07
CA GLU A 132 -28.66 -17.88 1.47
C GLU A 132 -29.81 -16.91 1.51
N ARG A 133 -30.73 -17.10 2.46
CA ARG A 133 -31.91 -16.23 2.58
C ARG A 133 -32.70 -16.17 1.28
N LYS A 134 -32.68 -17.25 0.50
CA LYS A 134 -33.35 -17.40 -0.79
C LYS A 134 -32.73 -16.53 -1.88
N GLU A 135 -31.58 -15.90 -1.60
CA GLU A 135 -30.89 -15.04 -2.55
C GLU A 135 -29.64 -15.73 -3.08
N GLU A 136 -29.29 -15.45 -4.33
CA GLU A 136 -28.05 -15.96 -4.89
C GLU A 136 -26.89 -15.13 -4.35
N LYS A 137 -25.99 -15.78 -3.59
CA LYS A 137 -24.83 -15.11 -3.01
C LYS A 137 -23.56 -15.31 -3.81
N CYS A 138 -23.48 -16.41 -4.56
CA CYS A 138 -22.33 -16.78 -5.34
C CYS A 138 -22.82 -17.65 -6.47
N HIS A 139 -22.34 -17.40 -7.68
CA HIS A 139 -22.60 -18.30 -8.80
C HIS A 139 -21.73 -19.54 -8.67
N GLN A 140 -22.30 -20.73 -8.97
CA GLN A 140 -21.50 -21.95 -8.88
C GLN A 140 -20.46 -21.94 -9.98
N TYR A 141 -19.18 -21.89 -9.58
CA TYR A 141 -18.07 -21.79 -10.52
C TYR A 141 -17.33 -23.10 -10.72
N TRP A 142 -17.90 -24.23 -10.28
CA TRP A 142 -17.22 -25.51 -10.45
C TRP A 142 -18.20 -26.54 -10.99
N PRO A 143 -17.72 -27.57 -11.69
CA PRO A 143 -18.61 -28.66 -12.10
C PRO A 143 -18.84 -29.63 -10.96
N ASP A 144 -20.06 -30.19 -10.92
CA ASP A 144 -20.40 -31.20 -9.93
C ASP A 144 -19.79 -32.55 -10.28
N GLN A 145 -19.63 -32.83 -11.57
CA GLN A 145 -18.95 -34.03 -12.04
C GLN A 145 -18.29 -33.69 -13.37
N GLY A 146 -17.29 -34.50 -13.74
CA GLY A 146 -16.66 -34.30 -15.02
C GLY A 146 -15.91 -32.98 -15.09
N CYS A 147 -15.94 -32.37 -16.27
CA CYS A 147 -15.14 -31.19 -16.57
C CYS A 147 -16.02 -30.08 -17.13
N TRP A 148 -15.52 -28.85 -17.00
CA TRP A 148 -16.15 -27.69 -17.60
C TRP A 148 -15.05 -26.71 -17.97
N THR A 149 -15.25 -26.00 -19.07
CA THR A 149 -14.25 -25.06 -19.56
C THR A 149 -14.76 -23.64 -19.32
N TYR A 150 -14.02 -22.88 -18.52
CA TYR A 150 -14.36 -21.49 -18.21
C TYR A 150 -13.36 -20.63 -18.97
N GLY A 151 -13.80 -20.06 -20.09
CA GLY A 151 -12.88 -19.32 -20.92
C GLY A 151 -11.84 -20.22 -21.52
N ASN A 152 -10.59 -20.07 -21.09
CA ASN A 152 -9.49 -20.91 -21.55
C ASN A 152 -9.06 -21.92 -20.50
N ILE A 153 -9.70 -21.97 -19.34
CA ILE A 153 -9.27 -22.84 -18.24
C ILE A 153 -10.24 -23.99 -18.10
N ARG A 154 -9.74 -25.21 -18.32
CA ARG A 154 -10.57 -26.39 -18.14
C ARG A 154 -10.44 -26.87 -16.69
N VAL A 155 -11.58 -27.07 -16.04
CA VAL A 155 -11.65 -27.44 -14.63
C VAL A 155 -12.31 -28.81 -14.53
N CYS A 156 -11.61 -29.80 -13.98
CA CYS A 156 -12.13 -31.16 -13.82
C CYS A 156 -12.19 -31.52 -12.34
N VAL A 157 -13.32 -32.04 -11.88
CA VAL A 157 -13.47 -32.32 -10.46
C VAL A 157 -12.91 -33.71 -10.18
N GLU A 158 -11.92 -33.77 -9.29
CA GLU A 158 -11.20 -35.00 -8.96
C GLU A 158 -11.73 -35.69 -7.71
N ASP A 159 -12.27 -34.93 -6.77
CA ASP A 159 -12.70 -35.49 -5.50
C ASP A 159 -13.66 -34.52 -4.86
N CYS A 160 -14.50 -35.05 -3.98
CA CYS A 160 -15.44 -34.26 -3.21
C CYS A 160 -15.72 -35.05 -1.95
N VAL A 161 -15.50 -34.44 -0.80
CA VAL A 161 -15.74 -35.08 0.50
C VAL A 161 -16.62 -34.14 1.30
N VAL A 162 -17.82 -34.60 1.63
CA VAL A 162 -18.78 -33.81 2.39
C VAL A 162 -18.64 -34.17 3.86
N LEU A 163 -18.35 -33.17 4.70
CA LEU A 163 -18.33 -33.32 6.15
C LEU A 163 -19.41 -32.43 6.76
N VAL A 164 -19.64 -32.58 8.06
CA VAL A 164 -20.83 -31.94 8.63
C VAL A 164 -20.72 -30.41 8.58
N ASP A 165 -19.50 -29.88 8.74
CA ASP A 165 -19.31 -28.42 8.80
C ASP A 165 -18.74 -27.82 7.53
N TYR A 166 -18.17 -28.63 6.65
CA TYR A 166 -17.54 -28.13 5.44
C TYR A 166 -17.38 -29.27 4.46
N THR A 167 -17.17 -28.89 3.20
CA THR A 167 -16.96 -29.80 2.08
C THR A 167 -15.60 -29.50 1.46
N ILE A 168 -14.85 -30.53 1.09
CA ILE A 168 -13.58 -30.37 0.38
C ILE A 168 -13.76 -30.91 -1.02
N ARG A 169 -13.56 -30.05 -2.02
CA ARG A 169 -13.57 -30.45 -3.41
C ARG A 169 -12.18 -30.25 -3.98
N LYS A 170 -11.75 -31.15 -4.86
CA LYS A 170 -10.43 -31.05 -5.47
C LYS A 170 -10.60 -31.03 -6.98
N PHE A 171 -9.91 -30.10 -7.63
CA PHE A 171 -10.05 -29.89 -9.06
C PHE A 171 -8.69 -29.92 -9.73
N CYS A 172 -8.65 -30.52 -10.92
CA CYS A 172 -7.52 -30.45 -11.81
C CYS A 172 -7.81 -29.37 -12.84
N ILE A 173 -6.99 -28.33 -12.89
CA ILE A 173 -7.23 -27.20 -13.79
C ILE A 173 -6.06 -27.01 -14.73
N GLN A 174 -6.37 -26.55 -15.95
CA GLN A 174 -5.34 -26.49 -16.97
C GLN A 174 -5.84 -25.61 -18.12
N PRO A 175 -5.01 -24.74 -18.67
CA PRO A 175 -5.41 -23.97 -19.85
C PRO A 175 -5.66 -24.89 -21.03
N GLN A 176 -6.58 -24.47 -21.90
CA GLN A 176 -6.98 -25.26 -23.06
C GLN A 176 -6.24 -24.81 -24.31
N LYS A 182 1.76 -25.52 -18.93
CA LYS A 182 1.01 -26.57 -19.62
C LYS A 182 0.65 -27.71 -18.67
N ALA A 183 1.42 -27.89 -17.61
CA ALA A 183 1.15 -28.96 -16.65
C ALA A 183 -0.08 -28.61 -15.82
N PRO A 184 -0.99 -29.56 -15.61
CA PRO A 184 -2.18 -29.27 -14.82
C PRO A 184 -1.83 -29.04 -13.36
N ARG A 185 -2.75 -28.36 -12.66
CA ARG A 185 -2.56 -28.05 -11.26
C ARG A 185 -3.75 -28.54 -10.45
N LEU A 186 -3.47 -29.10 -9.28
CA LEU A 186 -4.52 -29.52 -8.34
C LEU A 186 -4.89 -28.35 -7.44
N VAL A 187 -6.16 -27.98 -7.45
CA VAL A 187 -6.68 -26.89 -6.61
C VAL A 187 -7.67 -27.49 -5.63
N SER A 188 -7.48 -27.20 -4.35
CA SER A 188 -8.39 -27.67 -3.31
C SER A 188 -9.34 -26.53 -2.96
N GLN A 189 -10.63 -26.81 -2.98
CA GLN A 189 -11.63 -25.86 -2.53
C GLN A 189 -12.13 -26.30 -1.16
N LEU A 190 -11.95 -25.47 -0.14
CA LEU A 190 -12.46 -25.76 1.18
C LEU A 190 -13.69 -24.89 1.37
N HIS A 191 -14.86 -25.54 1.40
CA HIS A 191 -16.15 -24.86 1.37
C HIS A 191 -16.78 -24.98 2.74
N PHE A 192 -16.78 -23.87 3.50
CA PHE A 192 -17.43 -23.84 4.80
C PHE A 192 -18.93 -23.72 4.57
N THR A 193 -19.68 -24.77 4.95
CA THR A 193 -21.09 -24.83 4.62
C THR A 193 -22.00 -24.54 5.80
N SER A 194 -21.45 -24.29 6.99
CA SER A 194 -22.27 -24.20 8.20
C SER A 194 -22.37 -22.79 8.77
N TRP A 195 -21.97 -21.76 8.05
CA TRP A 195 -22.19 -20.41 8.54
C TRP A 195 -23.69 -20.10 8.46
N PRO A 196 -24.29 -19.56 9.51
CA PRO A 196 -25.74 -19.32 9.49
C PRO A 196 -26.12 -18.24 8.50
N ASP A 197 -27.39 -18.26 8.09
CA ASP A 197 -27.94 -17.20 7.25
C ASP A 197 -28.04 -15.89 7.99
N PHE A 198 -28.09 -15.93 9.32
CA PHE A 198 -28.21 -14.76 10.18
C PHE A 198 -27.24 -14.89 11.33
N GLY A 199 -26.45 -13.86 11.57
CA GLY A 199 -25.54 -13.86 12.68
C GLY A 199 -24.26 -14.65 12.38
N VAL A 200 -23.57 -15.01 13.44
CA VAL A 200 -22.29 -15.70 13.34
C VAL A 200 -22.45 -17.10 13.91
N PRO A 201 -21.49 -18.00 13.70
CA PRO A 201 -21.61 -19.35 14.25
C PRO A 201 -21.77 -19.36 15.77
N PHE A 202 -22.48 -20.40 16.25
CA PHE A 202 -22.84 -20.52 17.65
C PHE A 202 -21.63 -20.64 18.57
N THR A 203 -20.62 -21.39 18.15
CA THR A 203 -19.31 -21.40 18.79
C THR A 203 -18.25 -21.31 17.71
N PRO A 204 -17.02 -20.94 18.06
CA PRO A 204 -15.95 -20.89 17.05
C PRO A 204 -15.25 -22.20 16.79
N ILE A 205 -15.72 -23.30 17.39
CA ILE A 205 -14.99 -24.56 17.32
C ILE A 205 -14.91 -25.06 15.88
N GLY A 206 -16.03 -25.02 15.16
CA GLY A 206 -16.01 -25.47 13.78
C GLY A 206 -15.12 -24.64 12.87
N MET A 207 -15.18 -23.32 13.03
CA MET A 207 -14.32 -22.44 12.23
C MET A 207 -12.84 -22.69 12.52
N LEU A 208 -12.49 -22.94 13.78
CA LEU A 208 -11.10 -23.21 14.12
C LEU A 208 -10.63 -24.51 13.48
N LYS A 209 -11.47 -25.54 13.50
CA LYS A 209 -11.12 -26.80 12.84
CA LYS A 209 -11.11 -26.79 12.83
C LYS A 209 -10.92 -26.57 11.34
N PHE A 210 -11.79 -25.76 10.74
CA PHE A 210 -11.70 -25.42 9.32
C PHE A 210 -10.42 -24.65 9.03
N LEU A 211 -10.08 -23.67 9.87
CA LEU A 211 -8.86 -22.90 9.66
C LEU A 211 -7.63 -23.82 9.67
N LYS A 212 -7.58 -24.77 10.62
CA LYS A 212 -6.46 -25.70 10.68
C LYS A 212 -6.40 -26.57 9.43
N LYS A 213 -7.57 -26.95 8.90
CA LYS A 213 -7.59 -27.78 7.71
C LYS A 213 -7.08 -27.02 6.49
N VAL A 214 -7.45 -25.74 6.35
CA VAL A 214 -6.90 -24.91 5.28
C VAL A 214 -5.37 -24.87 5.39
N LYS A 215 -4.86 -24.66 6.60
CA LYS A 215 -3.41 -24.56 6.77
C LYS A 215 -2.72 -25.89 6.45
N THR A 216 -3.38 -27.00 6.77
CA THR A 216 -2.81 -28.32 6.49
C THR A 216 -2.74 -28.60 5.00
N LEU A 217 -3.77 -28.19 4.25
CA LEU A 217 -3.88 -28.56 2.86
C LEU A 217 -3.21 -27.59 1.89
N ASN A 218 -2.92 -26.37 2.32
CA ASN A 218 -2.32 -25.42 1.38
C ASN A 218 -0.85 -25.78 1.17
N PRO A 219 -0.41 -26.07 -0.06
CA PRO A 219 0.98 -26.45 -0.30
C PRO A 219 1.95 -25.31 -0.03
N VAL A 220 3.22 -25.68 0.19
CA VAL A 220 4.18 -24.71 0.72
C VAL A 220 4.63 -23.67 -0.34
N HIS A 221 4.65 -24.02 -1.62
CA HIS A 221 5.19 -23.12 -2.64
C HIS A 221 4.11 -22.43 -3.47
N ALA A 222 2.86 -22.47 -3.04
CA ALA A 222 1.75 -22.02 -3.88
C ALA A 222 1.58 -20.50 -3.80
N GLY A 223 0.76 -19.97 -4.71
CA GLY A 223 0.36 -18.58 -4.67
C GLY A 223 -0.60 -18.30 -3.51
N PRO A 224 -1.12 -17.07 -3.44
CA PRO A 224 -2.00 -16.72 -2.33
C PRO A 224 -3.25 -17.57 -2.26
N ILE A 225 -3.67 -17.85 -1.02
CA ILE A 225 -4.96 -18.52 -0.76
C ILE A 225 -6.08 -17.57 -1.15
N VAL A 226 -6.98 -18.03 -2.01
CA VAL A 226 -8.13 -17.22 -2.42
C VAL A 226 -9.23 -17.45 -1.41
N VAL A 227 -9.69 -16.39 -0.75
CA VAL A 227 -10.74 -16.47 0.27
C VAL A 227 -11.90 -15.65 -0.24
N HIS A 228 -13.08 -16.25 -0.33
CA HIS A 228 -14.21 -15.46 -0.77
C HIS A 228 -15.49 -15.80 -0.02
N CYS A 229 -16.37 -14.80 0.09
CA CYS A 229 -17.73 -15.02 0.57
C CYS A 229 -18.63 -14.52 -0.55
N SER A 230 -19.54 -13.59 -0.28
CA SER A 230 -20.33 -12.98 -1.34
C SER A 230 -19.74 -11.65 -1.75
N ALA A 231 -19.60 -10.72 -0.81
CA ALA A 231 -18.96 -9.44 -1.12
C ALA A 231 -17.45 -9.50 -0.93
N GLY A 232 -16.96 -10.47 -0.15
CA GLY A 232 -15.54 -10.58 0.06
C GLY A 232 -14.96 -9.63 1.09
N VAL A 233 -15.74 -9.19 2.07
CA VAL A 233 -15.18 -8.38 3.15
C VAL A 233 -15.52 -8.92 4.52
N GLY A 234 -16.72 -9.48 4.70
CA GLY A 234 -17.22 -9.76 6.04
C GLY A 234 -16.73 -11.08 6.61
N ARG A 235 -17.32 -12.18 6.17
CA ARG A 235 -16.80 -13.49 6.58
C ARG A 235 -15.36 -13.66 6.12
N THR A 236 -15.04 -13.17 4.93
CA THR A 236 -13.68 -13.22 4.43
C THR A 236 -12.71 -12.54 5.39
N GLY A 237 -13.06 -11.33 5.85
CA GLY A 237 -12.20 -10.64 6.80
C GLY A 237 -12.09 -11.35 8.12
N THR A 238 -13.22 -11.89 8.63
CA THR A 238 -13.21 -12.63 9.88
C THR A 238 -12.23 -13.80 9.80
N PHE A 239 -12.26 -14.55 8.69
CA PHE A 239 -11.38 -15.70 8.52
C PHE A 239 -9.92 -15.27 8.52
N ILE A 240 -9.58 -14.26 7.74
CA ILE A 240 -8.21 -13.81 7.59
C ILE A 240 -7.66 -13.30 8.90
N VAL A 241 -8.47 -12.52 9.63
CA VAL A 241 -7.99 -11.93 10.88
C VAL A 241 -7.75 -13.01 11.93
N ILE A 242 -8.65 -14.00 12.02
CA ILE A 242 -8.41 -15.10 12.98
C ILE A 242 -7.12 -15.82 12.63
N ASP A 243 -6.91 -16.12 11.34
CA ASP A 243 -5.69 -16.79 10.93
C ASP A 243 -4.44 -15.98 11.32
N ALA A 244 -4.47 -14.67 11.07
CA ALA A 244 -3.29 -13.84 11.33
C ALA A 244 -3.05 -13.68 12.83
N MET A 245 -4.13 -13.56 13.61
CA MET A 245 -3.96 -13.39 15.05
C MET A 245 -3.56 -14.68 15.74
N MET A 246 -3.99 -15.85 15.22
CA MET A 246 -3.46 -17.10 15.75
C MET A 246 -1.95 -17.16 15.58
N ALA A 247 -1.44 -16.75 14.41
CA ALA A 247 -0.01 -16.73 14.17
C ALA A 247 0.69 -15.75 15.11
N MET A 248 0.09 -14.56 15.28
CA MET A 248 0.66 -13.58 16.21
C MET A 248 0.71 -14.13 17.63
N MET A 249 -0.38 -14.75 18.07
CA MET A 249 -0.40 -15.36 19.40
C MET A 249 0.73 -16.37 19.53
N HIS A 250 0.93 -17.20 18.51
CA HIS A 250 1.92 -18.24 18.60
C HIS A 250 3.34 -17.69 18.60
N ALA A 251 3.57 -16.57 17.90
CA ALA A 251 4.90 -15.99 17.82
C ALA A 251 5.21 -15.02 18.95
N GLU A 252 4.24 -14.21 19.38
CA GLU A 252 4.48 -13.10 20.29
C GLU A 252 3.79 -13.22 21.63
N GLN A 253 2.91 -14.20 21.82
CA GLN A 253 2.12 -14.33 23.05
C GLN A 253 1.27 -13.08 23.31
N LYS A 254 0.85 -12.43 22.22
CA LYS A 254 0.00 -11.24 22.24
C LYS A 254 -0.94 -11.33 21.05
N VAL A 255 -2.02 -10.56 21.10
CA VAL A 255 -2.88 -10.31 19.94
C VAL A 255 -3.18 -8.81 19.86
N ASP A 256 -3.28 -8.30 18.63
CA ASP A 256 -3.69 -6.91 18.40
C ASP A 256 -4.67 -6.88 17.23
N VAL A 257 -5.92 -7.28 17.52
CA VAL A 257 -6.97 -7.35 16.51
C VAL A 257 -7.23 -5.98 15.90
N PHE A 258 -7.35 -4.95 16.75
CA PHE A 258 -7.71 -3.62 16.25
C PHE A 258 -6.70 -3.12 15.23
N GLU A 259 -5.41 -3.27 15.53
CA GLU A 259 -4.38 -2.83 14.60
C GLU A 259 -4.43 -3.63 13.30
N PHE A 260 -4.64 -4.95 13.39
CA PHE A 260 -4.60 -5.75 12.17
C PHE A 260 -5.79 -5.45 11.27
N VAL A 261 -6.99 -5.33 11.84
CA VAL A 261 -8.15 -4.99 11.01
C VAL A 261 -7.93 -3.63 10.36
N SER A 262 -7.39 -2.68 11.13
CA SER A 262 -7.08 -1.36 10.57
C SER A 262 -6.14 -1.48 9.38
N ARG A 263 -5.10 -2.31 9.52
CA ARG A 263 -4.10 -2.49 8.48
C ARG A 263 -4.71 -3.09 7.21
N ILE A 264 -5.44 -4.21 7.34
CA ILE A 264 -5.95 -4.84 6.13
C ILE A 264 -7.07 -4.02 5.49
N ARG A 265 -7.71 -3.11 6.23
CA ARG A 265 -8.69 -2.25 5.58
C ARG A 265 -8.02 -1.24 4.64
N ASN A 266 -6.72 -1.01 4.80
CA ASN A 266 -5.99 -0.21 3.82
C ASN A 266 -5.74 -0.97 2.53
N GLN A 267 -5.93 -2.28 2.53
CA GLN A 267 -5.86 -3.08 1.32
C GLN A 267 -7.22 -3.31 0.68
N ARG A 268 -8.28 -3.40 1.49
CA ARG A 268 -9.63 -3.64 0.97
C ARG A 268 -10.58 -3.07 2.01
N PRO A 269 -11.40 -2.05 1.67
CA PRO A 269 -12.19 -1.38 2.71
C PRO A 269 -13.24 -2.30 3.32
N GLN A 270 -13.50 -2.07 4.60
CA GLN A 270 -14.60 -2.67 5.36
C GLN A 270 -14.40 -4.13 5.70
N MET A 271 -13.17 -4.66 5.64
CA MET A 271 -12.95 -6.01 6.13
C MET A 271 -13.47 -6.14 7.55
N VAL A 272 -14.20 -7.24 7.81
CA VAL A 272 -14.96 -7.49 9.04
C VAL A 272 -16.13 -6.51 9.08
N GLN A 273 -17.32 -7.02 8.80
CA GLN A 273 -18.45 -6.17 8.46
C GLN A 273 -19.30 -5.77 9.67
N THR A 274 -19.39 -6.61 10.70
CA THR A 274 -20.26 -6.34 11.84
C THR A 274 -19.50 -6.46 13.15
N ASP A 275 -20.06 -5.82 14.18
CA ASP A 275 -19.48 -5.99 15.50
C ASP A 275 -19.62 -7.42 15.99
N MET A 276 -20.66 -8.13 15.54
CA MET A 276 -20.83 -9.54 15.91
CA MET A 276 -20.81 -9.53 15.92
C MET A 276 -19.70 -10.39 15.33
N GLN A 277 -19.27 -10.09 14.10
CA GLN A 277 -18.12 -10.78 13.55
C GLN A 277 -16.85 -10.40 14.30
N TYR A 278 -16.75 -9.14 14.71
CA TYR A 278 -15.57 -8.68 15.44
C TYR A 278 -15.43 -9.40 16.77
N THR A 279 -16.53 -9.55 17.51
CA THR A 279 -16.48 -10.28 18.77
C THR A 279 -16.22 -11.77 18.54
N PHE A 280 -16.75 -12.33 17.44
CA PHE A 280 -16.49 -13.72 17.10
C PHE A 280 -15.00 -13.99 16.93
N ILE A 281 -14.28 -13.03 16.34
CA ILE A 281 -12.82 -13.14 16.22
C ILE A 281 -12.20 -13.36 17.60
N TYR A 282 -12.54 -12.49 18.56
CA TYR A 282 -11.98 -12.62 19.90
C TYR A 282 -12.37 -13.96 20.52
N GLN A 283 -13.62 -14.40 20.31
CA GLN A 283 -14.03 -15.67 20.91
C GLN A 283 -13.25 -16.84 20.33
N ALA A 284 -12.96 -16.79 19.03
CA ALA A 284 -12.16 -17.84 18.42
C ALA A 284 -10.73 -17.82 18.96
N LEU A 285 -10.17 -16.63 19.16
CA LEU A 285 -8.80 -16.57 19.67
C LEU A 285 -8.72 -17.10 21.10
N LEU A 286 -9.73 -16.82 21.91
CA LEU A 286 -9.73 -17.34 23.29
C LEU A 286 -9.81 -18.85 23.29
N GLU A 287 -10.70 -19.41 22.47
CA GLU A 287 -10.82 -20.86 22.35
C GLU A 287 -9.51 -21.49 21.89
N TYR A 288 -8.79 -20.83 20.99
CA TYR A 288 -7.51 -21.37 20.52
C TYR A 288 -6.46 -21.32 21.63
N TYR A 289 -6.44 -20.22 22.39
CA TYR A 289 -5.49 -20.09 23.49
C TYR A 289 -5.75 -21.14 24.58
N LEU A 290 -7.01 -21.34 24.93
CA LEU A 290 -7.32 -22.28 26.02
C LEU A 290 -7.13 -23.74 25.60
N TYR A 291 -7.54 -24.10 24.37
CA TYR A 291 -7.70 -25.50 24.01
C TYR A 291 -7.04 -25.91 22.71
N GLY A 292 -6.34 -25.02 22.02
CA GLY A 292 -5.86 -25.32 20.69
C GLY A 292 -4.41 -25.76 20.65
N TYR B 6 16.52 3.97 20.19
CA TYR B 6 16.57 5.38 19.80
C TYR B 6 15.25 6.08 20.13
N PHE B 7 15.27 6.93 21.13
CA PHE B 7 14.07 7.57 21.62
C PHE B 7 13.92 8.95 20.98
N PRO B 8 12.72 9.54 21.01
CA PRO B 8 12.58 10.94 20.58
C PRO B 8 13.50 11.84 21.40
N ILE B 9 13.95 12.92 20.77
CA ILE B 9 14.87 13.87 21.39
C ILE B 9 14.11 15.16 21.68
N PRO B 10 13.96 15.56 22.95
CA PRO B 10 13.43 16.89 23.24
C PRO B 10 14.35 17.95 22.67
N VAL B 11 13.77 19.08 22.25
CA VAL B 11 14.55 20.09 21.57
C VAL B 11 15.64 20.66 22.47
N GLU B 12 15.40 20.71 23.78
CA GLU B 12 16.40 21.19 24.71
C GLU B 12 17.61 20.26 24.85
N HIS B 13 17.54 19.06 24.26
CA HIS B 13 18.68 18.14 24.25
C HIS B 13 19.31 18.00 22.87
N LEU B 14 18.77 18.69 21.86
CA LEU B 14 19.16 18.44 20.48
C LEU B 14 20.61 18.80 20.22
N GLU B 15 21.05 19.95 20.72
CA GLU B 15 22.41 20.39 20.43
C GLU B 15 23.44 19.44 21.04
N GLU B 16 23.16 18.94 22.26
CA GLU B 16 24.08 18.03 22.92
C GLU B 16 24.09 16.66 22.26
N GLU B 17 22.93 16.13 21.89
CA GLU B 17 22.89 14.86 21.16
C GLU B 17 23.64 14.97 19.84
N ILE B 18 23.57 16.12 19.18
CA ILE B 18 24.31 16.29 17.94
C ILE B 18 25.81 16.33 18.22
N ARG B 19 26.22 16.96 19.31
CA ARG B 19 27.63 16.97 19.68
C ARG B 19 28.15 15.55 19.90
N ILE B 20 27.37 14.72 20.60
CA ILE B 20 27.81 13.37 20.92
CA ILE B 20 27.82 13.37 20.92
C ILE B 20 27.87 12.51 19.66
N ARG B 21 26.80 12.51 18.87
CA ARG B 21 26.72 11.60 17.73
C ARG B 21 27.59 12.03 16.55
N SER B 22 28.03 13.29 16.50
CA SER B 22 28.95 13.72 15.45
CA SER B 22 28.94 13.74 15.45
C SER B 22 30.41 13.47 15.78
N ALA B 23 30.73 13.21 17.04
CA ALA B 23 32.11 13.00 17.46
C ALA B 23 32.71 11.78 16.76
N ASP B 24 34.04 11.81 16.59
CA ASP B 24 34.80 10.70 16.05
C ASP B 24 34.36 10.37 14.63
N ASP B 25 34.29 11.42 13.80
CA ASP B 25 33.89 11.29 12.39
C ASP B 25 32.46 10.73 12.28
N CYS B 26 31.56 11.26 13.11
CA CYS B 26 30.14 10.87 13.10
C CYS B 26 29.98 9.37 13.35
N LYS B 27 30.78 8.84 14.26
CA LYS B 27 30.76 7.41 14.56
C LYS B 27 29.36 6.93 14.92
N GLN B 28 28.71 7.62 15.85
CA GLN B 28 27.40 7.19 16.31
C GLN B 28 26.29 7.53 15.30
N PHE B 29 26.40 8.67 14.62
CA PHE B 29 25.44 8.96 13.56
C PHE B 29 25.48 7.90 12.47
N ARG B 30 26.69 7.44 12.10
CA ARG B 30 26.82 6.37 11.13
C ARG B 30 26.23 5.07 11.68
N GLU B 31 26.37 4.84 12.99
CA GLU B 31 25.77 3.67 13.61
C GLU B 31 24.25 3.75 13.57
N GLU B 32 23.70 4.91 13.94
CA GLU B 32 22.25 5.12 13.85
C GLU B 32 21.75 4.90 12.42
N PHE B 33 22.40 5.54 11.45
CA PHE B 33 21.94 5.42 10.06
C PHE B 33 21.97 3.97 9.59
N ASN B 34 23.04 3.25 9.93
CA ASN B 34 23.17 1.87 9.47
C ASN B 34 22.19 0.92 10.18
N SER B 35 21.61 1.35 11.30
CA SER B 35 20.61 0.54 11.99
C SER B 35 19.21 0.64 11.38
N LEU B 36 19.02 1.53 10.41
CA LEU B 36 17.69 1.73 9.87
C LEU B 36 17.26 0.51 9.07
N PRO B 37 15.98 0.14 9.14
CA PRO B 37 15.46 -0.86 8.21
C PRO B 37 15.50 -0.31 6.79
N SER B 38 15.73 -1.19 5.83
CA SER B 38 15.75 -0.77 4.43
C SER B 38 14.35 -0.45 3.91
N GLY B 39 13.34 -1.17 4.40
CA GLY B 39 11.97 -1.03 3.95
C GLY B 39 11.48 -2.11 3.01
N HIS B 40 12.38 -2.92 2.44
CA HIS B 40 11.96 -3.90 1.46
C HIS B 40 11.00 -4.95 2.03
N ILE B 41 11.09 -5.20 3.34
CA ILE B 41 10.32 -6.30 3.94
C ILE B 41 8.83 -5.95 4.00
N GLN B 42 8.49 -4.68 4.18
CA GLN B 42 7.11 -4.26 4.30
C GLN B 42 6.47 -3.94 2.94
N GLY B 43 7.10 -4.33 1.85
CA GLY B 43 6.54 -4.05 0.53
C GLY B 43 6.75 -5.22 -0.42
N THR B 44 5.98 -5.18 -1.49
CA THR B 44 6.19 -6.05 -2.64
C THR B 44 6.53 -5.17 -3.84
N PHE B 45 7.19 -5.76 -4.84
CA PHE B 45 7.74 -4.97 -5.93
C PHE B 45 7.41 -5.56 -7.29
N GLU B 46 6.22 -6.15 -7.42
CA GLU B 46 5.84 -6.83 -8.66
C GLU B 46 5.74 -5.84 -9.82
N LEU B 47 5.09 -4.70 -9.61
CA LEU B 47 4.85 -3.78 -10.71
C LEU B 47 6.15 -3.19 -11.24
N ALA B 48 7.03 -2.77 -10.35
CA ALA B 48 8.27 -2.14 -10.76
C ALA B 48 9.18 -3.11 -11.49
N ASN B 49 9.00 -4.42 -11.29
CA ASN B 49 9.88 -5.44 -11.84
C ASN B 49 9.33 -6.13 -13.08
N LYS B 50 8.15 -5.73 -13.56
CA LYS B 50 7.67 -6.28 -14.82
C LYS B 50 8.59 -5.87 -15.97
N GLU B 51 8.77 -6.78 -16.94
CA GLU B 51 9.72 -6.51 -18.01
C GLU B 51 9.32 -5.29 -18.83
N GLU B 52 8.02 -5.00 -18.92
CA GLU B 52 7.58 -3.86 -19.72
C GLU B 52 7.94 -2.53 -19.04
N ASN B 53 8.24 -2.55 -17.74
CA ASN B 53 8.58 -1.34 -17.00
C ASN B 53 10.07 -1.16 -16.80
N ARG B 54 10.91 -2.04 -17.38
CA ARG B 54 12.33 -2.01 -17.07
C ARG B 54 12.96 -0.69 -17.49
N GLU B 55 12.65 -0.20 -18.68
CA GLU B 55 13.20 1.05 -19.17
C GLU B 55 12.62 2.27 -18.46
N LYS B 56 11.63 2.08 -17.59
CA LYS B 56 11.04 3.19 -16.84
C LYS B 56 11.74 3.45 -15.52
N ASN B 57 12.72 2.62 -15.15
CA ASN B 57 13.45 2.78 -13.91
C ASN B 57 14.88 3.22 -14.21
N ARG B 58 15.34 4.24 -13.47
CA ARG B 58 16.70 4.72 -13.65
C ARG B 58 17.70 3.73 -13.06
N TYR B 59 17.37 3.15 -11.90
CA TYR B 59 18.22 2.21 -11.20
C TYR B 59 17.39 0.96 -10.88
N PRO B 60 17.86 -0.22 -11.25
CA PRO B 60 17.06 -1.44 -11.05
C PRO B 60 16.78 -1.74 -9.58
N ASN B 61 17.59 -1.23 -8.66
CA ASN B 61 17.45 -1.50 -7.25
C ASN B 61 16.70 -0.40 -6.49
N ILE B 62 16.28 0.66 -7.18
CA ILE B 62 15.57 1.79 -6.54
C ILE B 62 14.17 1.81 -7.13
N LEU B 63 13.23 1.17 -6.46
CA LEU B 63 11.91 0.90 -7.00
C LEU B 63 10.82 1.31 -6.03
N PRO B 64 9.65 1.74 -6.54
CA PRO B 64 8.50 1.91 -5.66
C PRO B 64 7.95 0.55 -5.27
N ASN B 65 7.49 0.44 -4.02
CA ASN B 65 6.71 -0.75 -3.67
C ASN B 65 5.27 -0.59 -4.16
N ASP B 66 4.57 -1.72 -4.22
CA ASP B 66 3.25 -1.75 -4.85
C ASP B 66 2.23 -0.91 -4.08
N HIS B 67 2.26 -0.94 -2.74
CA HIS B 67 1.12 -0.35 -2.05
C HIS B 67 1.18 1.17 -2.01
N SER B 68 2.35 1.78 -2.21
CA SER B 68 2.45 3.23 -2.20
C SER B 68 2.90 3.84 -3.52
N ARG B 69 2.98 3.05 -4.59
CA ARG B 69 3.33 3.61 -5.89
C ARG B 69 2.23 4.56 -6.36
N VAL B 70 2.63 5.56 -7.12
CA VAL B 70 1.67 6.43 -7.77
C VAL B 70 1.18 5.71 -9.01
N ILE B 71 -0.14 5.57 -9.15
CA ILE B 71 -0.72 4.82 -10.27
C ILE B 71 -1.25 5.82 -11.29
N LEU B 72 -0.78 5.71 -12.54
CA LEU B 72 -1.31 6.52 -13.61
C LEU B 72 -2.55 5.85 -14.20
N SER B 73 -3.44 6.65 -14.77
CA SER B 73 -4.52 6.04 -15.55
C SER B 73 -3.95 5.30 -16.75
N GLN B 74 -4.65 4.23 -17.16
CA GLN B 74 -4.18 3.41 -18.27
C GLN B 74 -4.46 4.09 -19.61
N LEU B 75 -3.48 3.98 -20.51
CA LEU B 75 -3.64 4.47 -21.88
C LEU B 75 -4.13 3.32 -22.77
N ASP B 76 -5.15 3.60 -23.58
CA ASP B 76 -5.79 2.56 -24.38
C ASP B 76 -4.78 1.84 -25.26
N GLY B 77 -4.78 0.51 -25.17
CA GLY B 77 -3.93 -0.29 -26.05
C GLY B 77 -2.46 -0.24 -25.75
N ILE B 78 -2.06 0.25 -24.59
CA ILE B 78 -0.65 0.28 -24.19
C ILE B 78 -0.52 -0.46 -22.87
N PRO B 79 -0.09 -1.71 -22.89
CA PRO B 79 0.06 -2.48 -21.65
C PRO B 79 1.07 -1.81 -20.71
N CYS B 80 0.79 -1.92 -19.41
CA CYS B 80 1.62 -1.41 -18.33
C CYS B 80 1.74 0.10 -18.32
N SER B 81 0.84 0.80 -19.01
CA SER B 81 0.92 2.25 -19.05
C SER B 81 0.52 2.92 -17.73
N ASP B 82 0.18 2.18 -16.68
CA ASP B 82 -0.14 2.78 -15.39
C ASP B 82 1.09 3.05 -14.53
N TYR B 83 2.29 2.73 -14.99
CA TYR B 83 3.45 2.72 -14.11
C TYR B 83 4.27 4.00 -14.22
N ILE B 84 4.64 4.54 -13.05
CA ILE B 84 5.72 5.51 -12.94
C ILE B 84 6.53 5.15 -11.70
N ASN B 85 7.84 5.40 -11.77
CA ASN B 85 8.70 5.25 -10.61
C ASN B 85 8.52 6.48 -9.72
N ALA B 86 7.58 6.39 -8.77
CA ALA B 86 7.24 7.45 -7.85
C ALA B 86 6.37 6.84 -6.76
N SER B 87 6.43 7.41 -5.56
CA SER B 87 5.73 6.89 -4.39
C SER B 87 5.11 8.01 -3.59
N TYR B 88 3.93 7.76 -3.01
CA TYR B 88 3.40 8.69 -2.03
C TYR B 88 4.24 8.59 -0.75
N ILE B 89 4.45 9.72 -0.09
CA ILE B 89 5.19 9.79 1.17
C ILE B 89 4.42 10.65 2.15
N ASP B 90 4.28 10.15 3.38
CA ASP B 90 3.58 10.86 4.45
C ASP B 90 4.38 12.07 4.93
N GLY B 91 3.67 13.06 5.43
CA GLY B 91 4.26 14.11 6.22
C GLY B 91 4.04 13.86 7.69
N TYR B 92 4.38 14.88 8.50
CA TYR B 92 4.03 14.81 9.91
C TYR B 92 2.52 14.92 10.05
N LYS B 93 1.89 13.86 10.55
CA LYS B 93 0.43 13.85 10.79
C LYS B 93 -0.34 14.30 9.55
N GLU B 94 0.13 13.89 8.37
CA GLU B 94 -0.52 14.27 7.12
C GLU B 94 -0.21 13.19 6.10
N LYS B 95 -1.19 12.34 5.80
CA LYS B 95 -0.93 11.22 4.90
C LYS B 95 -0.72 11.73 3.48
N ASN B 96 0.27 11.14 2.80
CA ASN B 96 0.50 11.35 1.37
C ASN B 96 0.67 12.83 1.05
N LYS B 97 1.41 13.53 1.93
CA LYS B 97 1.71 14.94 1.70
C LYS B 97 2.56 15.12 0.45
N PHE B 98 3.41 14.14 0.13
CA PHE B 98 4.41 14.25 -0.91
C PHE B 98 4.29 13.12 -1.90
N ILE B 99 4.83 13.35 -3.08
CA ILE B 99 5.22 12.28 -3.99
C ILE B 99 6.72 12.37 -4.12
N ALA B 100 7.40 11.27 -3.85
CA ALA B 100 8.83 11.15 -4.04
C ALA B 100 9.03 10.41 -5.36
N ALA B 101 9.60 11.10 -6.35
CA ALA B 101 9.65 10.60 -7.70
C ALA B 101 11.09 10.55 -8.20
N GLN B 102 11.37 9.56 -9.03
CA GLN B 102 12.59 9.58 -9.81
C GLN B 102 12.55 10.75 -10.79
N GLY B 103 13.70 11.39 -10.99
CA GLY B 103 13.80 12.41 -12.01
C GLY B 103 13.51 11.82 -13.38
N PRO B 104 12.64 12.44 -14.17
CA PRO B 104 12.21 11.80 -15.43
C PRO B 104 13.37 11.52 -16.35
N LYS B 105 13.26 10.43 -17.08
CA LYS B 105 14.12 10.11 -18.22
C LYS B 105 13.45 10.63 -19.49
N GLN B 106 14.19 10.65 -20.59
CA GLN B 106 13.54 11.01 -21.83
C GLN B 106 12.35 10.09 -22.11
N GLU B 107 12.48 8.80 -21.77
CA GLU B 107 11.42 7.83 -22.02
C GLU B 107 10.24 7.96 -21.05
N THR B 108 10.37 8.70 -19.95
CA THR B 108 9.29 8.82 -18.98
C THR B 108 8.80 10.26 -18.78
N VAL B 109 9.28 11.23 -19.56
CA VAL B 109 8.87 12.61 -19.31
C VAL B 109 7.37 12.78 -19.53
N ASN B 110 6.80 12.11 -20.53
CA ASN B 110 5.35 12.22 -20.71
C ASN B 110 4.61 11.67 -19.50
N ASP B 111 5.03 10.50 -19.01
CA ASP B 111 4.43 9.91 -17.81
C ASP B 111 4.57 10.85 -16.62
N PHE B 112 5.70 11.54 -16.52
CA PHE B 112 5.92 12.46 -15.41
C PHE B 112 4.87 13.57 -15.41
N TRP B 113 4.63 14.18 -16.57
CA TRP B 113 3.65 15.26 -16.62
C TRP B 113 2.22 14.75 -16.46
N ARG B 114 1.95 13.52 -16.94
CA ARG B 114 0.63 12.94 -16.72
C ARG B 114 0.37 12.76 -15.23
N MET B 115 1.39 12.32 -14.49
CA MET B 115 1.27 12.21 -13.04
C MET B 115 0.98 13.56 -12.40
N VAL B 116 1.75 14.60 -12.78
CA VAL B 116 1.50 15.92 -12.23
C VAL B 116 0.06 16.35 -12.50
N TRP B 117 -0.42 16.12 -13.71
CA TRP B 117 -1.79 16.52 -14.05
C TRP B 117 -2.81 15.69 -13.26
N GLU B 118 -2.74 14.37 -13.34
CA GLU B 118 -3.75 13.52 -12.71
C GLU B 118 -3.73 13.64 -11.19
N GLN B 119 -2.56 13.87 -10.59
CA GLN B 119 -2.48 14.01 -9.14
C GLN B 119 -2.86 15.40 -8.64
N LYS B 120 -3.20 16.33 -9.54
CA LYS B 120 -3.57 17.70 -9.17
C LYS B 120 -2.45 18.45 -8.46
N SER B 121 -1.20 18.05 -8.67
CA SER B 121 -0.10 18.72 -7.99
C SER B 121 0.10 20.11 -8.56
N ALA B 122 0.42 21.06 -7.67
CA ALA B 122 0.69 22.43 -8.07
C ALA B 122 2.14 22.82 -7.83
N THR B 123 2.94 21.96 -7.21
CA THR B 123 4.30 22.32 -6.82
C THR B 123 5.20 21.14 -7.12
N ILE B 124 6.30 21.42 -7.81
CA ILE B 124 7.34 20.43 -8.08
C ILE B 124 8.61 20.93 -7.41
N VAL B 125 9.23 20.07 -6.61
CA VAL B 125 10.50 20.39 -5.97
C VAL B 125 11.60 19.59 -6.64
N MET B 126 12.55 20.27 -7.27
CA MET B 126 13.66 19.63 -7.97
C MET B 126 14.94 19.84 -7.16
N LEU B 127 15.59 18.75 -6.77
CA LEU B 127 16.72 18.84 -5.86
C LEU B 127 18.05 18.51 -6.53
N THR B 128 18.07 18.41 -7.84
CA THR B 128 19.27 18.07 -8.57
C THR B 128 19.48 19.10 -9.67
N ASN B 129 20.73 19.27 -10.09
CA ASN B 129 20.92 19.93 -11.37
C ASN B 129 20.78 18.89 -12.48
N LEU B 130 20.48 19.37 -13.69
CA LEU B 130 20.30 18.44 -14.81
C LEU B 130 21.54 17.59 -15.04
N LYS B 131 22.71 18.22 -14.99
CA LYS B 131 23.98 17.52 -15.03
C LYS B 131 24.73 17.74 -13.72
N GLU B 132 25.35 16.66 -13.21
CA GLU B 132 26.22 16.75 -12.05
C GLU B 132 27.35 15.77 -12.26
N ARG B 133 28.58 16.19 -11.94
CA ARG B 133 29.77 15.35 -12.15
C ARG B 133 29.92 14.92 -13.61
N LYS B 134 29.53 15.77 -14.55
CA LYS B 134 29.56 15.51 -16.00
C LYS B 134 28.53 14.47 -16.44
N GLU B 135 27.61 14.06 -15.58
CA GLU B 135 26.67 12.98 -15.88
C GLU B 135 25.25 13.54 -15.89
N GLU B 136 24.42 13.00 -16.79
CA GLU B 136 23.01 13.37 -16.85
C GLU B 136 22.27 12.77 -15.65
N LYS B 137 21.76 13.63 -14.76
CA LYS B 137 21.00 13.19 -13.60
C LYS B 137 19.49 13.26 -13.80
N CYS B 138 19.05 14.09 -14.74
CA CYS B 138 17.62 14.34 -14.96
C CYS B 138 17.46 14.94 -16.36
N HIS B 139 16.51 14.38 -17.13
CA HIS B 139 16.15 14.96 -18.42
C HIS B 139 15.40 16.27 -18.18
N GLN B 140 15.71 17.27 -19.00
CA GLN B 140 15.01 18.55 -18.86
C GLN B 140 13.56 18.36 -19.30
N TYR B 141 12.64 18.49 -18.37
CA TYR B 141 11.23 18.23 -18.60
C TYR B 141 10.41 19.52 -18.74
N TRP B 142 11.05 20.67 -18.93
CA TRP B 142 10.31 21.90 -19.12
C TRP B 142 10.91 22.69 -20.28
N PRO B 143 10.10 23.53 -20.94
CA PRO B 143 10.63 24.38 -22.00
C PRO B 143 11.37 25.59 -21.44
N ASP B 144 12.40 26.03 -22.18
CA ASP B 144 13.13 27.24 -21.79
C ASP B 144 12.32 28.50 -22.09
N GLN B 145 11.58 28.51 -23.19
CA GLN B 145 10.66 29.58 -23.54
C GLN B 145 9.46 28.98 -24.25
N GLY B 146 8.37 29.72 -24.27
CA GLY B 146 7.19 29.27 -24.99
C GLY B 146 6.64 27.96 -24.45
N CYS B 147 6.15 27.13 -25.35
CA CYS B 147 5.38 25.95 -24.99
C CYS B 147 6.05 24.68 -25.53
N TRP B 148 5.81 23.57 -24.83
CA TRP B 148 6.25 22.26 -25.24
C TRP B 148 5.12 21.30 -24.88
N THR B 149 4.81 20.37 -25.77
CA THR B 149 3.74 19.41 -25.54
C THR B 149 4.37 18.06 -25.24
N TYR B 150 4.09 17.54 -24.03
CA TYR B 150 4.60 16.24 -23.59
C TYR B 150 3.43 15.27 -23.60
N GLY B 151 3.37 14.41 -24.63
CA GLY B 151 2.23 13.54 -24.76
C GLY B 151 0.99 14.33 -25.04
N ASN B 152 0.04 14.32 -24.11
CA ASN B 152 -1.19 15.11 -24.21
C ASN B 152 -1.13 16.41 -23.42
N ILE B 153 -0.06 16.66 -22.68
CA ILE B 153 0.01 17.79 -21.76
C ILE B 153 0.85 18.89 -22.38
N ARG B 154 0.24 20.05 -22.62
CA ARG B 154 0.98 21.22 -23.10
C ARG B 154 1.50 22.01 -21.90
N VAL B 155 2.80 22.30 -21.90
CA VAL B 155 3.45 23.00 -20.81
C VAL B 155 4.02 24.30 -21.37
N CYS B 156 3.59 25.42 -20.81
CA CYS B 156 4.03 26.75 -21.24
C CYS B 156 4.68 27.47 -20.08
N VAL B 157 5.88 28.00 -20.30
CA VAL B 157 6.57 28.67 -19.20
C VAL B 157 6.03 30.09 -19.07
N GLU B 158 5.66 30.45 -17.84
CA GLU B 158 5.12 31.78 -17.56
C GLU B 158 6.11 32.70 -16.87
N ASP B 159 7.03 32.13 -16.11
CA ASP B 159 7.95 32.97 -15.35
C ASP B 159 9.13 32.11 -14.93
N CYS B 160 10.23 32.78 -14.63
CA CYS B 160 11.45 32.16 -14.13
C CYS B 160 12.18 33.23 -13.35
N VAL B 161 12.52 32.93 -12.09
CA VAL B 161 13.28 33.84 -11.25
C VAL B 161 14.48 33.09 -10.71
N VAL B 162 15.68 33.58 -11.04
CA VAL B 162 16.93 32.94 -10.65
C VAL B 162 17.43 33.66 -9.40
N LEU B 163 17.41 32.96 -8.27
CA LEU B 163 18.04 33.45 -7.04
C LEU B 163 19.35 32.70 -6.81
N VAL B 164 20.10 33.13 -5.80
CA VAL B 164 21.45 32.59 -5.62
C VAL B 164 21.42 31.10 -5.31
N ASP B 165 20.45 30.64 -4.50
CA ASP B 165 20.43 29.25 -4.05
C ASP B 165 19.39 28.39 -4.77
N TYR B 166 18.45 29.00 -5.48
CA TYR B 166 17.41 28.25 -6.14
C TYR B 166 16.74 29.13 -7.20
N THR B 167 16.03 28.46 -8.09
CA THR B 167 15.33 29.09 -9.21
C THR B 167 13.88 28.68 -9.11
N ILE B 168 12.97 29.63 -9.33
CA ILE B 168 11.55 29.35 -9.33
C ILE B 168 11.05 29.53 -10.75
N ARG B 169 10.43 28.49 -11.29
CA ARG B 169 9.83 28.54 -12.61
C ARG B 169 8.34 28.30 -12.45
N LYS B 170 7.55 28.97 -13.27
CA LYS B 170 6.10 28.84 -13.22
C LYS B 170 5.60 28.39 -14.57
N PHE B 171 4.77 27.36 -14.58
CA PHE B 171 4.30 26.78 -15.83
C PHE B 171 2.78 26.71 -15.84
N CYS B 172 2.21 27.03 -16.97
CA CYS B 172 0.80 26.77 -17.22
CA CYS B 172 0.79 26.78 -17.22
C CYS B 172 0.67 25.48 -17.99
N ILE B 173 -0.07 24.51 -17.42
CA ILE B 173 -0.19 23.20 -18.03
C ILE B 173 -1.66 22.90 -18.28
N GLN B 174 -1.92 22.17 -19.36
CA GLN B 174 -3.28 21.86 -19.76
C GLN B 174 -3.25 20.71 -20.74
N PRO B 175 -4.15 19.73 -20.60
CA PRO B 175 -4.22 18.68 -21.62
C PRO B 175 -4.88 19.22 -22.88
N GLN B 176 -4.35 18.79 -24.03
CA GLN B 176 -4.88 19.22 -25.33
C GLN B 176 -5.76 18.14 -25.96
N ALA B 183 -9.32 23.44 -18.40
CA ALA B 183 -8.94 24.45 -17.40
C ALA B 183 -7.45 24.37 -17.10
N PRO B 184 -6.69 25.38 -17.52
CA PRO B 184 -5.24 25.35 -17.31
C PRO B 184 -4.88 25.57 -15.84
N ARG B 185 -3.79 24.94 -15.42
CA ARG B 185 -3.34 24.98 -14.04
C ARG B 185 -1.93 25.55 -13.97
N LEU B 186 -1.69 26.44 -13.00
CA LEU B 186 -0.36 26.96 -12.76
C LEU B 186 0.40 26.01 -11.83
N VAL B 187 1.57 25.59 -12.27
CA VAL B 187 2.47 24.72 -11.52
C VAL B 187 3.76 25.49 -11.25
N SER B 188 4.17 25.54 -9.99
CA SER B 188 5.41 26.18 -9.59
C SER B 188 6.48 25.12 -9.42
N GLN B 189 7.61 25.30 -10.06
CA GLN B 189 8.76 24.41 -9.86
C GLN B 189 9.78 25.14 -9.01
N LEU B 190 10.10 24.58 -7.86
CA LEU B 190 11.14 25.12 -6.99
C LEU B 190 12.39 24.27 -7.20
N HIS B 191 13.38 24.85 -7.85
CA HIS B 191 14.56 24.10 -8.29
C HIS B 191 15.73 24.50 -7.42
N PHE B 192 16.11 23.63 -6.48
CA PHE B 192 17.28 23.85 -5.65
C PHE B 192 18.53 23.60 -6.49
N THR B 193 19.30 24.65 -6.72
CA THR B 193 20.44 24.58 -7.62
C THR B 193 21.77 24.53 -6.91
N SER B 194 21.79 24.67 -5.59
CA SER B 194 23.05 24.83 -4.88
C SER B 194 23.50 23.56 -4.14
N TRP B 195 22.90 22.41 -4.40
CA TRP B 195 23.42 21.19 -3.78
C TRP B 195 24.73 20.82 -4.44
N PRO B 196 25.79 20.56 -3.67
CA PRO B 196 27.10 20.26 -4.27
C PRO B 196 27.10 18.93 -5.01
N ASP B 197 28.05 18.80 -5.93
CA ASP B 197 28.25 17.54 -6.66
C ASP B 197 28.71 16.41 -5.76
N PHE B 198 29.37 16.73 -4.64
CA PHE B 198 29.87 15.76 -3.69
C PHE B 198 29.47 16.21 -2.29
N GLY B 199 28.95 15.27 -1.49
CA GLY B 199 28.65 15.59 -0.10
C GLY B 199 27.35 16.35 0.03
N VAL B 200 27.16 16.97 1.20
CA VAL B 200 25.94 17.71 1.48
C VAL B 200 26.27 19.20 1.57
N PRO B 201 25.27 20.09 1.54
CA PRO B 201 25.56 21.53 1.63
C PRO B 201 26.38 21.91 2.86
N PHE B 202 27.18 22.96 2.68
CA PHE B 202 28.09 23.43 3.73
C PHE B 202 27.34 23.84 4.99
N THR B 203 26.20 24.51 4.84
CA THR B 203 25.29 24.81 5.94
C THR B 203 23.87 24.48 5.50
N PRO B 204 22.95 24.27 6.45
CA PRO B 204 21.55 24.06 6.08
C PRO B 204 20.75 25.33 5.87
N ILE B 205 21.39 26.50 5.87
CA ILE B 205 20.65 27.76 5.86
C ILE B 205 19.88 27.92 4.55
N GLY B 206 20.55 27.68 3.41
CA GLY B 206 19.86 27.74 2.14
C GLY B 206 18.70 26.77 2.04
N MET B 207 18.94 25.52 2.47
CA MET B 207 17.88 24.51 2.42
C MET B 207 16.69 24.92 3.27
N LEU B 208 16.93 25.54 4.42
CA LEU B 208 15.82 25.96 5.28
C LEU B 208 15.02 27.10 4.65
N LYS B 209 15.70 28.04 4.00
CA LYS B 209 14.99 29.08 3.25
C LYS B 209 14.18 28.46 2.12
N PHE B 210 14.76 27.48 1.44
CA PHE B 210 14.09 26.80 0.33
C PHE B 210 12.84 26.08 0.82
N LEU B 211 12.94 25.39 1.97
CA LEU B 211 11.78 24.68 2.51
C LEU B 211 10.65 25.64 2.84
N LYS B 212 11.00 26.79 3.41
CA LYS B 212 9.99 27.78 3.76
C LYS B 212 9.32 28.32 2.51
N LYS B 213 10.09 28.51 1.43
CA LYS B 213 9.52 28.98 0.18
C LYS B 213 8.52 27.98 -0.39
N VAL B 214 8.85 26.69 -0.34
CA VAL B 214 7.94 25.65 -0.81
C VAL B 214 6.61 25.73 -0.05
N LYS B 215 6.69 25.86 1.28
CA LYS B 215 5.47 25.95 2.07
C LYS B 215 4.67 27.20 1.73
N THR B 216 5.38 28.30 1.46
CA THR B 216 4.72 29.56 1.10
C THR B 216 3.96 29.44 -0.23
N LEU B 217 4.56 28.76 -1.20
CA LEU B 217 4.01 28.76 -2.55
C LEU B 217 3.00 27.65 -2.83
N ASN B 218 2.97 26.59 -2.02
CA ASN B 218 2.07 25.47 -2.31
C ASN B 218 0.65 25.83 -1.92
N PRO B 219 -0.32 25.75 -2.83
CA PRO B 219 -1.70 26.13 -2.51
C PRO B 219 -2.41 25.05 -1.69
N VAL B 220 -3.42 25.49 -0.93
CA VAL B 220 -4.02 24.61 0.08
C VAL B 220 -4.84 23.48 -0.53
N HIS B 221 -5.48 23.69 -1.67
CA HIS B 221 -6.34 22.66 -2.25
C HIS B 221 -5.64 21.78 -3.27
N ALA B 222 -4.32 21.90 -3.40
CA ALA B 222 -3.56 21.13 -4.37
C ALA B 222 -3.38 19.68 -3.93
N GLY B 223 -3.03 18.84 -4.90
CA GLY B 223 -2.58 17.50 -4.63
C GLY B 223 -1.18 17.47 -4.06
N PRO B 224 -0.60 16.27 -3.96
CA PRO B 224 0.71 16.13 -3.30
C PRO B 224 1.80 16.95 -3.97
N ILE B 225 2.74 17.41 -3.15
CA ILE B 225 3.94 18.10 -3.64
C ILE B 225 4.86 17.05 -4.25
N VAL B 226 5.25 17.25 -5.51
CA VAL B 226 6.14 16.31 -6.19
C VAL B 226 7.58 16.72 -5.89
N VAL B 227 8.34 15.80 -5.30
CA VAL B 227 9.72 16.04 -4.91
C VAL B 227 10.58 15.03 -5.65
N HIS B 228 11.60 15.51 -6.36
CA HIS B 228 12.41 14.55 -7.10
C HIS B 228 13.87 14.96 -7.07
N CYS B 229 14.73 13.95 -7.15
CA CYS B 229 16.14 14.20 -7.41
C CYS B 229 16.51 13.40 -8.66
N SER B 230 17.51 12.52 -8.59
CA SER B 230 17.76 11.61 -9.70
C SER B 230 17.08 10.27 -9.45
N ALA B 231 17.43 9.61 -8.36
CA ALA B 231 16.78 8.34 -8.02
C ALA B 231 15.49 8.54 -7.23
N GLY B 232 15.29 9.70 -6.62
CA GLY B 232 14.09 9.92 -5.83
C GLY B 232 14.11 9.33 -4.44
N VAL B 233 15.29 9.12 -3.83
CA VAL B 233 15.34 8.58 -2.48
C VAL B 233 16.28 9.36 -1.56
N GLY B 234 17.39 9.87 -2.10
CA GLY B 234 18.41 10.46 -1.25
C GLY B 234 18.15 11.88 -0.81
N ARG B 235 18.41 12.84 -1.69
CA ARG B 235 18.08 14.22 -1.37
C ARG B 235 16.59 14.38 -1.16
N THR B 236 15.79 13.64 -1.93
CA THR B 236 14.34 13.70 -1.77
C THR B 236 13.93 13.31 -0.35
N GLY B 237 14.51 12.23 0.18
CA GLY B 237 14.20 11.85 1.55
C GLY B 237 14.68 12.87 2.56
N THR B 238 15.88 13.42 2.34
CA THR B 238 16.41 14.42 3.26
C THR B 238 15.47 15.62 3.36
N PHE B 239 14.96 16.08 2.21
CA PHE B 239 14.05 17.22 2.19
C PHE B 239 12.76 16.91 2.95
N ILE B 240 12.14 15.77 2.63
CA ILE B 240 10.86 15.39 3.25
C ILE B 240 11.02 15.23 4.76
N VAL B 241 12.11 14.61 5.20
CA VAL B 241 12.30 14.38 6.63
C VAL B 241 12.48 15.70 7.37
N ILE B 242 13.28 16.62 6.83
CA ILE B 242 13.45 17.91 7.50
C ILE B 242 12.10 18.62 7.62
N ASP B 243 11.30 18.60 6.55
CA ASP B 243 9.99 19.24 6.57
C ASP B 243 9.10 18.65 7.65
N ALA B 244 9.07 17.31 7.74
CA ALA B 244 8.21 16.64 8.72
C ALA B 244 8.69 16.89 10.15
N MET B 245 10.01 16.89 10.36
CA MET B 245 10.54 17.09 11.71
C MET B 245 10.45 18.54 12.16
N MET B 246 10.45 19.50 11.24
CA MET B 246 10.15 20.88 11.61
C MET B 246 8.73 20.99 12.16
N ALA B 247 7.78 20.32 11.52
CA ALA B 247 6.41 20.30 12.00
C ALA B 247 6.32 19.61 13.36
N MET B 248 7.06 18.51 13.53
CA MET B 248 7.05 17.82 14.82
C MET B 248 7.64 18.70 15.92
N MET B 249 8.75 19.39 15.63
CA MET B 249 9.33 20.33 16.58
C MET B 249 8.30 21.37 17.03
N HIS B 250 7.54 21.92 16.08
CA HIS B 250 6.56 22.96 16.41
C HIS B 250 5.44 22.39 17.27
N ALA B 251 5.00 21.17 16.97
CA ALA B 251 3.81 20.62 17.62
C ALA B 251 4.14 19.99 18.98
N GLU B 252 5.25 19.27 19.05
CA GLU B 252 5.57 18.43 20.21
C GLU B 252 6.85 18.82 20.92
N GLN B 253 7.60 19.79 20.41
CA GLN B 253 8.86 20.22 21.00
C GLN B 253 9.84 19.05 21.17
N LYS B 254 9.73 18.05 20.30
CA LYS B 254 10.70 16.96 20.21
C LYS B 254 10.81 16.55 18.75
N VAL B 255 11.87 15.81 18.43
CA VAL B 255 12.04 15.23 17.10
C VAL B 255 12.42 13.76 17.23
N ASP B 256 11.94 12.95 16.26
CA ASP B 256 12.27 11.52 16.21
C ASP B 256 12.61 11.17 14.76
N VAL B 257 13.85 11.50 14.36
CA VAL B 257 14.30 11.27 13.00
C VAL B 257 14.33 9.77 12.69
N PHE B 258 14.86 8.98 13.63
CA PHE B 258 15.02 7.55 13.37
C PHE B 258 13.68 6.88 13.07
N GLU B 259 12.65 7.20 13.86
CA GLU B 259 11.34 6.62 13.61
C GLU B 259 10.77 7.10 12.28
N PHE B 260 10.88 8.40 12.00
CA PHE B 260 10.22 8.91 10.80
C PHE B 260 10.88 8.36 9.54
N VAL B 261 12.21 8.31 9.50
CA VAL B 261 12.88 7.70 8.34
C VAL B 261 12.49 6.24 8.21
N SER B 262 12.41 5.51 9.33
CA SER B 262 11.92 4.14 9.31
C SER B 262 10.53 4.07 8.69
N ARG B 263 9.64 5.00 9.08
CA ARG B 263 8.27 4.97 8.61
C ARG B 263 8.18 5.17 7.10
N ILE B 264 8.83 6.22 6.58
CA ILE B 264 8.66 6.50 5.16
C ILE B 264 9.36 5.46 4.30
N ARG B 265 10.31 4.70 4.86
CA ARG B 265 10.90 3.64 4.07
C ARG B 265 9.92 2.50 3.82
N ASN B 266 8.86 2.40 4.61
CA ASN B 266 7.76 1.47 4.33
C ASN B 266 6.90 1.91 3.15
N GLN B 267 7.04 3.16 2.69
CA GLN B 267 6.36 3.63 1.49
C GLN B 267 7.27 3.64 0.28
N ARG B 268 8.56 3.86 0.47
CA ARG B 268 9.55 3.87 -0.61
C ARG B 268 10.89 3.51 0.02
N PRO B 269 11.47 2.36 -0.34
CA PRO B 269 12.67 1.89 0.36
C PRO B 269 13.85 2.83 0.18
N GLN B 270 14.70 2.89 1.20
CA GLN B 270 16.00 3.56 1.18
C GLN B 270 15.91 5.08 1.09
N MET B 271 14.80 5.70 1.50
CA MET B 271 14.78 7.15 1.67
C MET B 271 15.90 7.58 2.62
N VAL B 272 16.66 8.60 2.20
CA VAL B 272 17.88 9.09 2.85
C VAL B 272 18.97 8.06 2.57
N GLN B 273 19.90 8.40 1.68
CA GLN B 273 20.77 7.41 1.09
C GLN B 273 22.14 7.30 1.75
N THR B 274 22.61 8.34 2.44
CA THR B 274 23.95 8.33 3.02
C THR B 274 23.89 8.80 4.46
N ASP B 275 24.91 8.43 5.26
CA ASP B 275 24.90 8.94 6.63
C ASP B 275 25.22 10.43 6.68
N MET B 276 25.87 10.98 5.64
CA MET B 276 26.05 12.43 5.57
C MET B 276 24.72 13.15 5.37
N GLN B 277 23.83 12.61 4.53
CA GLN B 277 22.48 13.17 4.43
C GLN B 277 21.75 13.06 5.75
N TYR B 278 21.87 11.92 6.43
CA TYR B 278 21.23 11.72 7.72
C TYR B 278 21.68 12.75 8.74
N THR B 279 23.00 12.96 8.84
CA THR B 279 23.54 13.97 9.74
C THR B 279 23.05 15.35 9.35
N PHE B 280 22.98 15.62 8.04
CA PHE B 280 22.50 16.91 7.57
C PHE B 280 21.07 17.21 8.04
N ILE B 281 20.21 16.18 8.09
CA ILE B 281 18.87 16.36 8.66
C ILE B 281 18.97 16.95 10.05
N TYR B 282 19.82 16.35 10.89
CA TYR B 282 19.95 16.84 12.26
C TYR B 282 20.53 18.26 12.29
N GLN B 283 21.51 18.54 11.43
CA GLN B 283 22.09 19.88 11.41
C GLN B 283 21.04 20.92 11.03
N ALA B 284 20.19 20.60 10.05
CA ALA B 284 19.15 21.53 9.66
C ALA B 284 18.14 21.73 10.79
N LEU B 285 17.79 20.65 11.49
CA LEU B 285 16.84 20.78 12.58
C LEU B 285 17.40 21.68 13.69
N LEU B 286 18.69 21.54 13.98
CA LEU B 286 19.29 22.39 15.02
C LEU B 286 19.30 23.85 14.58
N GLU B 287 19.70 24.12 13.33
CA GLU B 287 19.67 25.50 12.86
C GLU B 287 18.27 26.08 12.97
N TYR B 288 17.25 25.27 12.65
CA TYR B 288 15.87 25.74 12.77
C TYR B 288 15.52 26.04 14.21
N TYR B 289 15.89 25.14 15.13
CA TYR B 289 15.60 25.35 16.54
C TYR B 289 16.25 26.63 17.06
N LEU B 290 17.52 26.84 16.72
CA LEU B 290 18.27 27.93 17.31
C LEU B 290 17.89 29.30 16.72
N TYR B 291 17.60 29.36 15.42
CA TYR B 291 17.39 30.66 14.78
C TYR B 291 16.14 30.78 13.92
N GLY B 292 15.46 29.68 13.59
CA GLY B 292 14.36 29.73 12.64
C GLY B 292 13.07 30.36 13.17
#